data_3CNN
#
_entry.id   3CNN
#
_cell.length_a   35.264
_cell.length_b   75.295
_cell.length_c   105.106
_cell.angle_alpha   90.000
_cell.angle_beta   90.000
_cell.angle_gamma   90.000
#
_symmetry.space_group_name_H-M   'P 21 21 21'
#
loop_
_entity.id
_entity.type
_entity.pdbx_description
1 polymer 'Putative uncharacterized protein'
2 non-polymer "GUANOSINE-5'-TRIPHOSPHATE"
3 water water
#
_entity_poly.entity_id   1
_entity_poly.type   'polypeptide(L)'
_entity_poly.pdbx_seq_one_letter_code
;MSWYPGHIEKAKRQIKDLLRLVNTVVEVRDARAPFATSAYGVDFSRKETIILLNKVDIADEKTTKKWVEFFKKQGKRVIT
THKGEPRKVLLKKLSFDRLARVLIVGVPNTGKSTIINKLKGKRASSVGAQPGITKGIQWFSLENGVKILDTPGILYKNIF
SEDLAAKLLLVGSLPVERIEDQRIFERAFEIFARSIGIESSFSEFFEDFARKRGLLKKGGVPDIERALMLFFTEVAQGKA
GRVSFERPEDITPVQQEQTRGV
;
_entity_poly.pdbx_strand_id   A
#
# COMPACT_ATOMS: atom_id res chain seq x y z
N ARG A 13 11.34 3.58 -16.23
CA ARG A 13 11.43 3.69 -17.71
C ARG A 13 10.16 3.24 -18.44
N GLN A 14 9.62 2.08 -18.07
CA GLN A 14 8.31 1.65 -18.56
C GLN A 14 7.25 2.67 -18.11
N ILE A 15 7.43 3.12 -16.87
CA ILE A 15 6.56 4.08 -16.22
C ILE A 15 6.75 5.47 -16.82
N LYS A 16 7.99 5.81 -17.16
CA LYS A 16 8.32 7.07 -17.83
C LYS A 16 7.63 7.15 -19.19
N ASP A 17 7.57 6.02 -19.89
CA ASP A 17 6.84 5.90 -21.16
C ASP A 17 5.38 6.24 -20.95
N LEU A 18 4.81 5.64 -19.90
CA LEU A 18 3.38 5.80 -19.56
C LEU A 18 3.03 7.22 -19.15
N LEU A 19 3.98 7.90 -18.54
CA LEU A 19 3.80 9.27 -18.04
C LEU A 19 3.71 10.32 -19.13
N ARG A 20 4.22 10.01 -20.33
CA ARG A 20 4.18 10.99 -21.43
C ARG A 20 2.77 11.08 -22.04
N LEU A 21 1.98 10.04 -21.77
CA LEU A 21 0.60 9.90 -22.22
C LEU A 21 -0.43 10.59 -21.33
N VAL A 22 0.01 11.14 -20.18
CA VAL A 22 -0.93 11.69 -19.18
C VAL A 22 -0.52 13.05 -18.65
N ASN A 23 -1.44 13.71 -17.97
CA ASN A 23 -1.20 15.02 -17.36
C ASN A 23 -1.50 14.99 -15.86
N THR A 24 -2.14 13.90 -15.43
CA THR A 24 -2.56 13.72 -14.05
C THR A 24 -2.14 12.33 -13.53
N VAL A 25 -1.73 12.30 -12.27
CA VAL A 25 -1.22 11.09 -11.64
C VAL A 25 -1.87 10.87 -10.27
N VAL A 26 -2.47 9.69 -10.09
CA VAL A 26 -2.95 9.25 -8.77
C VAL A 26 -1.99 8.22 -8.16
N GLU A 27 -1.34 8.63 -7.08
CA GLU A 27 -0.36 7.80 -6.37
C GLU A 27 -1.09 7.08 -5.26
N VAL A 28 -1.37 5.79 -5.49
CA VAL A 28 -2.08 4.95 -4.54
C VAL A 28 -1.11 4.38 -3.48
N ARG A 29 -1.26 4.88 -2.25
CA ARG A 29 -0.41 4.49 -1.14
C ARG A 29 -1.24 3.69 -0.16
N ASP A 30 -0.56 3.03 0.79
CA ASP A 30 -1.25 2.34 1.87
C ASP A 30 -1.22 3.35 3.02
N ALA A 31 -2.40 3.66 3.59
CA ALA A 31 -2.48 4.64 4.70
C ALA A 31 -1.70 4.22 5.94
N ARG A 32 -1.48 2.91 6.07
CA ARG A 32 -0.74 2.35 7.21
C ARG A 32 0.74 2.67 7.13
N ALA A 33 1.22 2.89 5.91
CA ALA A 33 2.63 3.22 5.70
C ALA A 33 2.76 4.19 4.51
N PRO A 34 2.37 5.47 4.71
CA PRO A 34 2.44 6.47 3.63
C PRO A 34 3.83 6.83 3.09
N PHE A 35 4.89 6.72 3.91
CA PHE A 35 6.26 6.93 3.43
C PHE A 35 6.81 5.73 2.67
N ALA A 36 6.75 4.56 3.30
CA ALA A 36 7.24 3.32 2.73
C ALA A 36 6.61 3.03 1.38
N THR A 37 5.34 3.40 1.21
CA THR A 37 4.62 3.20 -0.03
C THR A 37 4.53 4.46 -0.91
N SER A 38 5.39 5.45 -0.67
CA SER A 38 5.50 6.58 -1.57
C SER A 38 6.13 6.14 -2.88
N ALA A 39 5.94 6.91 -3.94
CA ALA A 39 6.53 6.55 -5.23
C ALA A 39 7.87 7.25 -5.48
N TYR A 40 8.72 7.28 -4.44
CA TYR A 40 10.06 7.89 -4.49
C TYR A 40 10.90 7.23 -5.57
N GLY A 41 11.60 8.05 -6.36
CA GLY A 41 12.44 7.57 -7.45
C GLY A 41 11.95 8.05 -8.81
N VAL A 42 10.63 8.04 -8.97
CA VAL A 42 10.00 8.50 -10.22
C VAL A 42 9.56 9.95 -10.08
N ASP A 43 9.84 10.74 -11.12
CA ASP A 43 9.48 12.13 -11.08
C ASP A 43 8.17 12.38 -11.81
N PHE A 44 7.15 12.75 -11.03
CA PHE A 44 5.94 13.34 -11.60
C PHE A 44 5.59 14.69 -11.02
N SER A 45 6.62 15.52 -10.81
CA SER A 45 6.43 16.93 -10.47
C SER A 45 5.96 17.80 -11.67
N ARG A 46 6.09 17.25 -12.88
CA ARG A 46 5.51 17.85 -14.10
C ARG A 46 4.01 17.53 -14.28
N LYS A 47 3.56 16.48 -13.60
CA LYS A 47 2.15 16.09 -13.61
C LYS A 47 1.35 16.77 -12.49
N GLU A 48 0.04 16.67 -12.59
CA GLU A 48 -0.84 17.01 -11.49
C GLU A 48 -1.00 15.72 -10.68
N THR A 49 -0.54 15.76 -9.44
CA THR A 49 -0.42 14.58 -8.58
C THR A 49 -1.38 14.64 -7.39
N ILE A 50 -2.15 13.55 -7.21
CA ILE A 50 -3.01 13.33 -6.05
C ILE A 50 -2.44 12.17 -5.21
N ILE A 51 -2.18 12.41 -3.92
CA ILE A 51 -1.82 11.32 -3.00
C ILE A 51 -3.09 10.68 -2.46
N LEU A 52 -3.28 9.42 -2.82
CA LEU A 52 -4.42 8.68 -2.37
C LEU A 52 -3.97 7.72 -1.28
N LEU A 53 -4.49 7.92 -0.05
CA LEU A 53 -4.21 7.04 1.08
C LEU A 53 -5.26 5.94 1.17
N ASN A 54 -4.90 4.79 0.62
CA ASN A 54 -5.83 3.69 0.48
C ASN A 54 -5.89 2.79 1.73
N LYS A 55 -6.94 1.98 1.82
CA LYS A 55 -7.11 0.95 2.84
C LYS A 55 -7.28 1.53 4.24
N VAL A 56 -8.02 2.63 4.36
CA VAL A 56 -8.14 3.31 5.67
C VAL A 56 -9.00 2.45 6.59
N ASP A 57 -9.67 1.47 5.99
CA ASP A 57 -10.56 0.56 6.71
C ASP A 57 -9.79 -0.37 7.64
N ILE A 58 -8.54 -0.66 7.28
CA ILE A 58 -7.69 -1.54 8.08
C ILE A 58 -6.51 -0.79 8.72
N ALA A 59 -6.60 0.54 8.72
CA ALA A 59 -5.55 1.42 9.28
C ALA A 59 -5.99 2.09 10.57
N ASP A 60 -5.02 2.38 11.43
CA ASP A 60 -5.31 3.16 12.64
C ASP A 60 -5.80 4.58 12.30
N GLU A 61 -7.09 4.80 12.54
CA GLU A 61 -7.78 6.06 12.19
C GLU A 61 -7.13 7.37 12.64
N LYS A 62 -6.63 7.43 13.88
CA LYS A 62 -5.94 8.65 14.30
C LYS A 62 -4.58 8.83 13.64
N THR A 63 -3.91 7.74 13.30
CA THR A 63 -2.69 7.83 12.49
C THR A 63 -3.02 8.32 11.08
N THR A 64 -4.10 7.81 10.49
CA THR A 64 -4.53 8.25 9.16
C THR A 64 -4.76 9.78 9.14
N LYS A 65 -5.55 10.29 10.09
CA LYS A 65 -5.81 11.74 10.23
C LYS A 65 -4.54 12.55 10.39
N LYS A 66 -3.56 12.00 11.09
CA LYS A 66 -2.32 12.71 11.28
C LYS A 66 -1.50 12.76 10.01
N TRP A 67 -1.58 11.72 9.18
CA TRP A 67 -0.96 11.75 7.85
C TRP A 67 -1.64 12.75 6.91
N VAL A 68 -2.96 12.85 7.00
CA VAL A 68 -3.70 13.83 6.21
C VAL A 68 -3.20 15.25 6.52
N GLU A 69 -3.13 15.59 7.81
CA GLU A 69 -2.69 16.92 8.26
C GLU A 69 -1.28 17.20 7.78
N PHE A 70 -0.42 16.18 7.88
CA PHE A 70 0.97 16.27 7.49
C PHE A 70 1.14 16.61 6.00
N PHE A 71 0.44 15.88 5.12
CA PHE A 71 0.53 16.11 3.67
C PHE A 71 -0.09 17.45 3.26
N LYS A 72 -1.21 17.78 3.92
CA LYS A 72 -1.85 19.10 3.78
C LYS A 72 -0.89 20.27 4.07
N LYS A 73 -0.21 20.21 5.21
CA LYS A 73 0.79 21.20 5.60
C LYS A 73 1.89 21.39 4.54
N GLN A 74 2.26 20.31 3.86
CA GLN A 74 3.27 20.40 2.80
C GLN A 74 2.69 20.88 1.47
N GLY A 75 1.42 21.28 1.50
CA GLY A 75 0.76 21.84 0.33
C GLY A 75 0.45 20.79 -0.71
N LYS A 76 0.22 19.56 -0.27
CA LYS A 76 -0.04 18.47 -1.21
C LYS A 76 -1.50 18.13 -1.33
N ARG A 77 -1.89 17.71 -2.53
CA ARG A 77 -3.22 17.19 -2.78
C ARG A 77 -3.27 15.75 -2.23
N VAL A 78 -4.06 15.56 -1.18
CA VAL A 78 -4.21 14.25 -0.56
C VAL A 78 -5.67 13.90 -0.27
N ILE A 79 -6.04 12.65 -0.55
CA ILE A 79 -7.33 12.08 -0.14
C ILE A 79 -7.16 10.71 0.53
N THR A 80 -8.23 10.23 1.19
CA THR A 80 -8.26 8.90 1.79
C THR A 80 -9.49 8.13 1.30
N THR A 81 -9.36 6.82 1.17
CA THR A 81 -10.46 5.97 0.70
C THR A 81 -10.18 4.50 0.99
N HIS A 82 -11.10 3.63 0.58
CA HIS A 82 -10.96 2.17 0.70
C HIS A 82 -11.94 1.47 -0.24
N LYS A 83 -11.70 0.20 -0.53
CA LYS A 83 -12.59 -0.70 -1.28
C LYS A 83 -14.09 -0.37 -1.15
N GLY A 84 -14.59 -0.37 0.09
CA GLY A 84 -16.01 -0.23 0.36
C GLY A 84 -16.64 1.11 0.05
N GLU A 85 -15.80 2.12 -0.16
CA GLU A 85 -16.26 3.47 -0.46
C GLU A 85 -16.97 3.48 -1.81
N PRO A 86 -18.19 4.07 -1.86
CA PRO A 86 -18.93 4.14 -3.13
C PRO A 86 -18.15 4.92 -4.19
N ARG A 87 -18.17 4.42 -5.42
CA ARG A 87 -17.55 5.07 -6.58
C ARG A 87 -17.76 6.58 -6.61
N LYS A 88 -18.97 6.99 -6.29
CA LYS A 88 -19.40 8.38 -6.34
C LYS A 88 -18.71 9.24 -5.30
N VAL A 89 -18.42 8.67 -4.12
CA VAL A 89 -17.63 9.36 -3.08
C VAL A 89 -16.15 9.48 -3.48
N LEU A 90 -15.65 8.49 -4.22
CA LEU A 90 -14.25 8.46 -4.70
C LEU A 90 -14.07 9.56 -5.75
N LEU A 91 -14.91 9.52 -6.79
CA LEU A 91 -14.90 10.58 -7.81
C LEU A 91 -15.05 11.98 -7.21
N LYS A 92 -15.96 12.12 -6.26
CA LYS A 92 -16.18 13.38 -5.55
C LYS A 92 -14.88 13.86 -4.91
N LYS A 93 -14.25 12.98 -4.14
CA LYS A 93 -12.94 13.25 -3.52
C LYS A 93 -11.85 13.61 -4.54
N LEU A 94 -11.78 12.86 -5.63
CA LEU A 94 -10.70 13.08 -6.60
C LEU A 94 -10.88 14.37 -7.41
N SER A 95 -12.14 14.72 -7.69
CA SER A 95 -12.50 15.94 -8.44
C SER A 95 -11.53 16.24 -9.59
N PHE A 96 -11.51 15.35 -10.56
CA PHE A 96 -10.68 15.52 -11.73
C PHE A 96 -11.14 16.72 -12.55
N ASP A 97 -10.16 17.55 -12.93
CA ASP A 97 -10.29 18.61 -13.91
C ASP A 97 -10.83 18.04 -15.22
N ARG A 98 -11.45 18.88 -16.05
CA ARG A 98 -12.09 18.44 -17.29
C ARG A 98 -11.11 17.85 -18.33
N LEU A 99 -9.89 18.37 -18.35
CA LEU A 99 -8.91 17.92 -19.33
C LEU A 99 -8.00 16.81 -18.81
N ALA A 100 -8.33 16.25 -17.65
CA ALA A 100 -7.49 15.22 -17.01
C ALA A 100 -7.32 13.98 -17.89
N ARG A 101 -6.06 13.60 -18.08
CA ARG A 101 -5.72 12.27 -18.56
C ARG A 101 -4.90 11.64 -17.43
N VAL A 102 -5.37 10.53 -16.88
CA VAL A 102 -4.90 10.08 -15.56
C VAL A 102 -4.18 8.73 -15.58
N LEU A 103 -3.05 8.68 -14.88
CA LEU A 103 -2.37 7.43 -14.59
C LEU A 103 -2.53 7.06 -13.12
N ILE A 104 -2.98 5.83 -12.88
CA ILE A 104 -2.99 5.24 -11.54
C ILE A 104 -1.62 4.59 -11.31
N VAL A 105 -0.90 5.06 -10.29
CA VAL A 105 0.46 4.58 -10.02
C VAL A 105 0.67 4.14 -8.55
N GLY A 106 1.62 3.24 -8.33
CA GLY A 106 2.03 2.86 -6.99
C GLY A 106 2.88 1.61 -6.93
N VAL A 107 3.50 1.39 -5.77
CA VAL A 107 4.25 0.17 -5.49
C VAL A 107 3.28 -1.00 -5.47
N PRO A 108 3.77 -2.25 -5.60
CA PRO A 108 2.83 -3.37 -5.65
C PRO A 108 1.87 -3.43 -4.45
N ASN A 109 0.68 -3.98 -4.71
CA ASN A 109 -0.29 -4.40 -3.70
C ASN A 109 -1.14 -3.31 -3.03
N THR A 110 -0.91 -2.04 -3.37
CA THR A 110 -1.59 -0.92 -2.67
C THR A 110 -3.08 -0.73 -3.03
N GLY A 111 -3.54 -1.50 -4.02
CA GLY A 111 -4.96 -1.53 -4.36
C GLY A 111 -5.28 -0.82 -5.66
N LYS A 112 -4.32 -0.81 -6.59
CA LYS A 112 -4.43 -0.05 -7.83
C LYS A 112 -5.46 -0.59 -8.82
N SER A 113 -5.50 -1.92 -8.95
CA SER A 113 -6.49 -2.62 -9.79
C SER A 113 -7.90 -2.45 -9.24
N THR A 114 -8.05 -2.63 -7.94
CA THR A 114 -9.33 -2.45 -7.25
C THR A 114 -9.90 -1.06 -7.55
N ILE A 115 -9.06 -0.04 -7.47
CA ILE A 115 -9.49 1.33 -7.74
C ILE A 115 -9.89 1.56 -9.20
N ILE A 116 -9.07 1.07 -10.13
CA ILE A 116 -9.41 1.12 -11.56
C ILE A 116 -10.76 0.45 -11.86
N ASN A 117 -10.96 -0.76 -11.35
CA ASN A 117 -12.23 -1.46 -11.56
C ASN A 117 -13.42 -0.70 -11.01
N LYS A 118 -13.23 0.00 -9.90
CA LYS A 118 -14.28 0.85 -9.35
C LYS A 118 -14.52 2.02 -10.30
N LEU A 119 -13.44 2.70 -10.70
CA LEU A 119 -13.53 3.82 -11.65
C LEU A 119 -14.15 3.40 -12.99
N LYS A 120 -13.85 2.18 -13.43
CA LYS A 120 -14.41 1.65 -14.66
C LYS A 120 -15.89 1.28 -14.49
N GLY A 121 -16.17 0.33 -13.60
CA GLY A 121 -17.51 -0.26 -13.49
C GLY A 121 -17.77 -1.09 -14.73
N LYS A 122 -19.05 -1.18 -15.13
CA LYS A 122 -19.42 -1.87 -16.37
C LYS A 122 -19.15 -0.97 -17.58
N ARG A 123 -17.86 -0.71 -17.82
CA ARG A 123 -17.42 0.22 -18.87
C ARG A 123 -16.44 -0.46 -19.84
N ALA A 124 -16.51 -0.08 -21.11
CA ALA A 124 -15.66 -0.65 -22.17
C ALA A 124 -14.26 -0.01 -22.24
N GLY A 136 -2.64 -1.44 -27.39
CA GLY A 136 -1.93 -1.73 -26.15
C GLY A 136 -2.74 -1.26 -24.96
N ILE A 137 -2.14 -0.41 -24.15
CA ILE A 137 -2.84 0.26 -23.05
C ILE A 137 -3.96 1.16 -23.62
N GLN A 138 -5.18 0.97 -23.11
CA GLN A 138 -6.32 1.75 -23.59
C GLN A 138 -6.94 2.60 -22.49
N TRP A 139 -7.51 3.74 -22.88
CA TRP A 139 -8.25 4.59 -21.97
C TRP A 139 -9.67 4.08 -21.75
N PHE A 140 -10.22 4.45 -20.60
CA PHE A 140 -11.66 4.45 -20.39
C PHE A 140 -12.02 5.84 -19.90
N SER A 141 -13.26 6.25 -20.13
CA SER A 141 -13.68 7.63 -19.89
C SER A 141 -14.73 7.73 -18.82
N LEU A 142 -14.61 8.71 -17.93
CA LEU A 142 -15.68 9.03 -17.00
C LEU A 142 -16.86 9.65 -17.76
N GLU A 143 -18.00 9.82 -17.10
CA GLU A 143 -19.19 10.32 -17.78
C GLU A 143 -19.01 11.76 -18.26
N ASN A 144 -18.01 12.45 -17.71
CA ASN A 144 -17.73 13.84 -18.02
C ASN A 144 -16.54 14.04 -18.98
N GLY A 145 -16.09 12.94 -19.60
CA GLY A 145 -14.99 12.97 -20.57
C GLY A 145 -13.59 12.67 -20.07
N VAL A 146 -13.37 12.73 -18.75
CA VAL A 146 -12.05 12.49 -18.15
C VAL A 146 -11.56 11.11 -18.54
N LYS A 147 -10.30 11.02 -18.94
CA LYS A 147 -9.73 9.76 -19.39
C LYS A 147 -8.80 9.18 -18.31
N ILE A 148 -8.83 7.86 -18.17
CA ILE A 148 -7.96 7.15 -17.22
C ILE A 148 -7.42 5.90 -17.89
N LEU A 149 -6.10 5.71 -17.87
CA LEU A 149 -5.50 4.50 -18.44
C LEU A 149 -6.06 3.31 -17.68
N ASP A 150 -6.37 2.22 -18.37
CA ASP A 150 -7.01 1.07 -17.72
C ASP A 150 -6.02 0.12 -17.03
N THR A 151 -4.73 0.47 -17.10
CA THR A 151 -3.64 -0.30 -16.52
C THR A 151 -2.82 0.63 -15.63
N PRO A 152 -2.53 0.20 -14.38
CA PRO A 152 -1.69 1.03 -13.53
C PRO A 152 -0.20 0.82 -13.79
N GLY A 153 0.59 1.85 -13.55
CA GLY A 153 2.05 1.72 -13.51
C GLY A 153 2.52 1.20 -12.15
N ILE A 154 3.22 0.07 -12.17
CA ILE A 154 3.74 -0.53 -10.94
C ILE A 154 5.15 -0.03 -10.71
N LEU A 155 5.36 0.64 -9.58
CA LEU A 155 6.70 1.13 -9.22
C LEU A 155 7.42 0.23 -8.24
N TYR A 156 8.64 -0.12 -8.59
CA TYR A 156 9.56 -0.81 -7.70
C TYR A 156 10.60 0.22 -7.32
N LYS A 157 10.94 0.26 -6.05
CA LYS A 157 11.97 1.19 -5.58
C LYS A 157 13.15 0.50 -4.90
N ASN A 158 14.23 1.25 -4.73
CA ASN A 158 15.45 0.68 -4.15
C ASN A 158 15.35 0.51 -2.63
N ILE A 159 15.63 -0.72 -2.19
CA ILE A 159 15.54 -1.07 -0.79
C ILE A 159 16.87 -1.53 -0.22
N PHE A 160 17.71 -0.60 0.23
CA PHE A 160 18.52 -0.97 1.39
C PHE A 160 18.53 -0.01 2.58
N SER A 161 17.36 -0.01 3.20
CA SER A 161 17.23 0.15 4.62
C SER A 161 16.37 -1.03 5.05
N GLU A 162 16.75 -1.60 6.18
CA GLU A 162 16.01 -2.67 6.82
C GLU A 162 14.56 -2.25 7.14
N ASP A 163 14.40 -1.00 7.58
CA ASP A 163 13.10 -0.48 8.00
C ASP A 163 12.10 -0.41 6.84
N LEU A 164 12.61 -0.07 5.65
CA LEU A 164 11.75 0.06 4.47
C LEU A 164 11.29 -1.31 4.00
N ALA A 165 12.21 -2.28 3.95
CA ALA A 165 11.86 -3.67 3.64
C ALA A 165 10.79 -4.21 4.58
N ALA A 166 10.98 -3.98 5.88
CA ALA A 166 10.06 -4.45 6.93
C ALA A 166 8.66 -3.86 6.74
N LYS A 167 8.60 -2.56 6.51
CA LYS A 167 7.32 -1.88 6.28
C LYS A 167 6.61 -2.33 5.00
N LEU A 168 7.39 -2.53 3.93
CA LEU A 168 6.87 -3.03 2.62
C LEU A 168 6.40 -4.47 2.69
N LEU A 169 7.02 -5.23 3.58
CA LEU A 169 6.56 -6.56 3.90
C LEU A 169 5.23 -6.54 4.69
N LEU A 170 5.15 -5.66 5.67
CA LEU A 170 3.93 -5.48 6.46
C LEU A 170 2.67 -5.10 5.66
N VAL A 171 2.83 -4.21 4.67
CA VAL A 171 1.73 -3.88 3.74
C VAL A 171 1.60 -4.91 2.59
N GLY A 172 2.54 -5.85 2.49
CA GLY A 172 2.45 -6.94 1.48
C GLY A 172 2.90 -6.49 0.10
N SER A 173 3.66 -5.41 0.05
CA SER A 173 4.20 -4.88 -1.18
C SER A 173 5.45 -5.67 -1.58
N LEU A 174 6.14 -6.18 -0.56
CA LEU A 174 7.33 -6.98 -0.77
C LEU A 174 7.07 -8.42 -0.28
N PRO A 175 7.29 -9.41 -1.19
CA PRO A 175 7.22 -10.85 -0.94
C PRO A 175 8.16 -11.35 0.16
N VAL A 176 7.72 -12.35 0.91
CA VAL A 176 8.54 -12.99 1.96
C VAL A 176 9.71 -13.71 1.29
N GLU A 177 9.43 -14.33 0.16
CA GLU A 177 10.41 -15.05 -0.65
C GLU A 177 11.64 -14.20 -0.93
N ARG A 178 11.40 -12.90 -1.14
CA ARG A 178 12.44 -11.94 -1.45
C ARG A 178 13.14 -11.36 -0.23
N ILE A 179 12.79 -11.84 0.96
CA ILE A 179 13.50 -11.41 2.18
C ILE A 179 14.62 -12.40 2.51
N GLU A 180 15.86 -11.90 2.55
CA GLU A 180 17.01 -12.78 2.74
C GLU A 180 17.78 -12.49 4.03
N ASP A 181 17.26 -11.59 4.85
CA ASP A 181 17.87 -11.33 6.15
C ASP A 181 16.79 -11.42 7.24
N GLN A 182 17.07 -12.24 8.25
CA GLN A 182 16.10 -12.55 9.31
C GLN A 182 15.73 -11.31 10.14
N ARG A 183 16.64 -10.33 10.12
CA ARG A 183 16.49 -9.09 10.85
C ARG A 183 15.41 -8.17 10.25
N ILE A 184 15.02 -8.45 9.02
CA ILE A 184 13.93 -7.74 8.38
C ILE A 184 12.61 -8.28 8.94
N PHE A 185 12.54 -9.61 9.13
CA PHE A 185 11.39 -10.25 9.80
C PHE A 185 11.20 -9.79 11.24
N GLU A 186 12.32 -9.53 11.91
CA GLU A 186 12.32 -9.11 13.31
C GLU A 186 11.94 -7.64 13.41
N ARG A 187 12.46 -6.84 12.48
CA ARG A 187 12.07 -5.43 12.36
C ARG A 187 10.58 -5.31 12.15
N ALA A 188 10.09 -6.02 11.14
CA ALA A 188 8.66 -6.04 10.81
C ALA A 188 7.82 -6.41 12.01
N PHE A 189 8.28 -7.43 12.76
CA PHE A 189 7.56 -7.88 13.95
C PHE A 189 7.64 -6.84 15.07
N GLU A 190 8.81 -6.27 15.29
CA GLU A 190 8.96 -5.15 16.24
C GLU A 190 7.98 -4.00 15.94
N ILE A 191 7.85 -3.63 14.66
CA ILE A 191 6.94 -2.54 14.24
C ILE A 191 5.50 -2.94 14.53
N PHE A 192 5.16 -4.18 14.14
CA PHE A 192 3.87 -4.75 14.44
C PHE A 192 3.52 -4.73 15.94
N ALA A 193 4.38 -5.34 16.75
CA ALA A 193 4.22 -5.47 18.20
C ALA A 193 4.05 -4.11 18.87
N ARG A 194 5.03 -3.22 18.70
CA ARG A 194 4.95 -1.85 19.21
C ARG A 194 3.64 -1.15 18.85
N SER A 195 3.21 -1.29 17.60
CA SER A 195 2.06 -0.52 17.12
C SER A 195 0.72 -1.23 17.39
N ILE A 196 0.79 -2.36 18.08
CA ILE A 196 -0.41 -3.04 18.52
C ILE A 196 -0.45 -3.20 20.04
N GLY A 197 0.67 -3.59 20.66
CA GLY A 197 0.74 -3.78 22.12
C GLY A 197 1.66 -4.91 22.58
N ILE A 198 1.80 -5.95 21.75
CA ILE A 198 2.68 -7.08 22.05
C ILE A 198 4.02 -6.63 22.60
N GLU A 199 4.59 -7.48 23.46
CA GLU A 199 5.89 -7.28 24.08
C GLU A 199 6.66 -8.61 24.17
N SER A 200 6.15 -9.65 23.52
CA SER A 200 6.83 -10.97 23.59
C SER A 200 8.00 -11.01 22.61
N SER A 201 8.79 -12.08 22.68
CA SER A 201 9.94 -12.24 21.80
C SER A 201 9.53 -12.75 20.41
N PHE A 202 10.30 -12.38 19.41
CA PHE A 202 10.09 -12.84 18.03
C PHE A 202 9.94 -14.36 17.98
N SER A 203 10.95 -15.08 18.44
CA SER A 203 10.99 -16.55 18.41
C SER A 203 9.80 -17.25 19.07
N GLU A 204 9.37 -16.74 20.23
CA GLU A 204 8.22 -17.28 20.94
C GLU A 204 6.92 -17.04 20.21
N PHE A 205 6.75 -15.81 19.73
CA PHE A 205 5.56 -15.45 19.01
C PHE A 205 5.31 -16.39 17.82
N PHE A 206 6.36 -16.67 17.06
CA PHE A 206 6.24 -17.43 15.82
C PHE A 206 6.23 -18.94 15.98
N GLU A 207 6.84 -19.42 17.06
CA GLU A 207 6.68 -20.82 17.49
C GLU A 207 5.21 -21.03 17.85
N ASP A 208 4.67 -20.15 18.69
CA ASP A 208 3.27 -20.28 19.05
C ASP A 208 2.34 -20.12 17.85
N PHE A 209 2.63 -19.15 16.98
CA PHE A 209 1.84 -18.94 15.78
C PHE A 209 1.82 -20.17 14.88
N ALA A 210 2.97 -20.85 14.75
CA ALA A 210 3.08 -22.02 13.87
C ALA A 210 2.33 -23.27 14.40
N ARG A 211 2.30 -23.44 15.72
CA ARG A 211 1.50 -24.47 16.36
C ARG A 211 0.02 -24.14 16.22
N LYS A 212 -0.34 -22.95 16.70
CA LYS A 212 -1.69 -22.38 16.68
C LYS A 212 -2.39 -22.46 15.31
N ARG A 213 -1.61 -22.71 14.25
CA ARG A 213 -2.10 -22.70 12.86
C ARG A 213 -1.83 -24.01 12.15
N GLY A 214 -1.27 -24.97 12.88
CA GLY A 214 -1.01 -26.32 12.37
C GLY A 214 0.13 -26.40 11.39
N LEU A 215 1.16 -25.59 11.59
CA LEU A 215 2.26 -25.52 10.65
C LEU A 215 3.45 -26.27 11.20
N LEU A 216 3.47 -27.57 10.93
CA LEU A 216 4.55 -28.41 11.39
C LEU A 216 5.31 -28.85 10.17
N LYS A 217 6.62 -29.01 10.32
CA LYS A 217 7.49 -29.63 9.32
C LYS A 217 7.71 -31.09 9.69
N LYS A 218 8.46 -31.79 8.85
CA LYS A 218 8.92 -33.16 9.12
C LYS A 218 9.44 -33.27 10.55
N GLY A 219 9.07 -34.33 11.25
CA GLY A 219 9.48 -34.51 12.65
C GLY A 219 8.56 -33.83 13.64
N GLY A 220 7.55 -33.13 13.13
CA GLY A 220 6.58 -32.42 13.95
C GLY A 220 7.13 -31.17 14.58
N VAL A 221 8.13 -30.57 13.93
CA VAL A 221 8.72 -29.32 14.39
C VAL A 221 8.02 -28.14 13.67
N PRO A 222 7.57 -27.14 14.46
CA PRO A 222 6.98 -25.88 13.99
C PRO A 222 7.69 -25.32 12.77
N ASP A 223 6.93 -25.05 11.70
CA ASP A 223 7.46 -24.43 10.49
C ASP A 223 7.45 -22.90 10.62
N ILE A 224 8.57 -22.32 11.06
CA ILE A 224 8.65 -20.87 11.28
C ILE A 224 8.57 -20.09 9.97
N GLU A 225 9.26 -20.57 8.94
CA GLU A 225 9.19 -20.00 7.61
C GLU A 225 7.73 -19.78 7.15
N ARG A 226 6.92 -20.83 7.23
CA ARG A 226 5.52 -20.76 6.84
C ARG A 226 4.70 -19.87 7.75
N ALA A 227 5.03 -19.86 9.04
CA ALA A 227 4.39 -19.01 10.03
C ALA A 227 4.60 -17.53 9.71
N LEU A 228 5.83 -17.18 9.37
CA LEU A 228 6.19 -15.86 8.91
C LEU A 228 5.45 -15.44 7.65
N MET A 229 5.41 -16.33 6.65
CA MET A 229 4.71 -16.08 5.39
C MET A 229 3.22 -15.86 5.62
N LEU A 230 2.58 -16.80 6.31
CA LEU A 230 1.16 -16.69 6.62
C LEU A 230 0.85 -15.45 7.47
N PHE A 231 1.64 -15.21 8.50
CA PHE A 231 1.41 -14.08 9.40
C PHE A 231 1.48 -12.71 8.71
N PHE A 232 2.51 -12.52 7.89
CA PHE A 232 2.70 -11.25 7.21
C PHE A 232 1.64 -11.05 6.13
N THR A 233 1.26 -12.14 5.48
CA THR A 233 0.12 -12.16 4.59
C THR A 233 -1.14 -11.66 5.30
N GLU A 234 -1.44 -12.22 6.47
CA GLU A 234 -2.57 -11.80 7.29
C GLU A 234 -2.46 -10.38 7.84
N VAL A 235 -1.24 -9.90 8.04
CA VAL A 235 -1.08 -8.52 8.47
C VAL A 235 -1.40 -7.54 7.32
N ALA A 236 -0.85 -7.81 6.14
CA ALA A 236 -1.06 -7.01 4.94
C ALA A 236 -2.55 -6.92 4.63
N GLN A 237 -3.21 -8.07 4.70
CA GLN A 237 -4.65 -8.21 4.50
C GLN A 237 -5.50 -7.58 5.61
N GLY A 238 -4.87 -7.00 6.62
CA GLY A 238 -5.61 -6.37 7.71
C GLY A 238 -6.32 -7.31 8.66
N LYS A 239 -5.92 -8.58 8.66
CA LYS A 239 -6.55 -9.63 9.48
C LYS A 239 -5.99 -9.74 10.90
N ALA A 240 -5.04 -8.88 11.24
CA ALA A 240 -4.42 -8.93 12.57
C ALA A 240 -4.73 -7.67 13.38
N GLY A 241 -5.83 -6.99 13.02
CA GLY A 241 -6.25 -5.75 13.69
C GLY A 241 -6.04 -4.46 12.88
N ARG A 242 -6.82 -3.43 13.20
CA ARG A 242 -6.66 -2.10 12.62
C ARG A 242 -5.38 -1.50 13.16
N VAL A 243 -4.32 -1.58 12.36
CA VAL A 243 -2.96 -1.21 12.77
C VAL A 243 -2.26 -0.42 11.65
N SER A 244 -1.63 0.72 12.00
CA SER A 244 -0.71 1.44 11.11
C SER A 244 0.76 1.24 11.53
N PHE A 245 1.68 1.41 10.59
CA PHE A 245 3.05 0.96 10.79
C PHE A 245 4.01 2.11 10.80
N GLU A 246 3.51 3.29 10.45
CA GLU A 246 4.29 4.50 10.63
C GLU A 246 3.44 5.75 10.87
N ARG A 247 4.05 6.72 11.52
CA ARG A 247 3.43 7.96 12.00
C ARG A 247 4.29 9.13 11.53
N PRO A 248 3.68 10.29 11.25
CA PRO A 248 4.53 11.38 10.74
C PRO A 248 5.60 11.88 11.74
N GLU A 249 5.34 11.72 13.04
CA GLU A 249 6.30 12.04 14.10
C GLU A 249 7.58 11.19 14.03
N ASP A 250 7.44 9.95 13.54
CA ASP A 250 8.56 9.02 13.38
C ASP A 250 9.68 9.61 12.54
#